data_5V1T
#
_entry.id   5V1T
#
_cell.length_a   69.370
_cell.length_b   115.040
_cell.length_c   54.330
_cell.angle_alpha   90.00
_cell.angle_beta   90.00
_cell.angle_gamma   90.00
#
_symmetry.space_group_name_H-M   'P 21 21 2'
#
loop_
_entity.id
_entity.type
_entity.pdbx_description
1 polymer 'Radical SAM'
2 polymer 'SuiA 22mer'
3 non-polymer 'IRON/SULFUR CLUSTER'
4 non-polymer METHIONINE
5 non-polymer S-ADENOSYLMETHIONINE
6 water water
#
loop_
_entity_poly.entity_id
_entity_poly.type
_entity_poly.pdbx_seq_one_letter_code
_entity_poly.pdbx_strand_id
1 'polypeptide(L)'
;MGSSHHHHHHSSGLVPRGSHMRTISEDILFRLEKFGGILINKTNFERIELDETEAFFLYLVQNHGIEIATSFFKKEIEMG
KLERALSLNIYSDNNIEDSLNNPYETLQNARKHVAKLKKHNILSFPLELVIYPSMYCDLKCGFCFLANREDRNAKPAKDW
ERILRQAKDNGVLSVSILGGEPTRYFDIDNLLIACEELKIKTTITTNAQLIKKSTVEILAKSKYITPVLSLQTLDSKLNF
ELMGVRPDRQIKLAKYFNEVGKKCRINAVYTKQSYEQIIELVDFCIENKIDRFSVANYSEVTGYTKIKKKYDLADLRRLN
EYVTDYITQREANLNFATEGCHLFTAYPELINNSIEFSEFDEMYYGCRAKYTKMEIMSNGDILPCIAFLGVNQTKQNAFE
KDLLDVWYDDPLYGGIRSFRTKNSKCLSCGLLKICEGGCYVNLIKEKSPEYFRDSVCQL
;
A
2 'polypeptide(L)' MSKELEKVLESSAMAKGDGWHV B
#
# COMPACT_ATOMS: atom_id res chain seq x y z
N MET A 21 1.42 29.59 -7.34
CA MET A 21 2.54 28.69 -7.03
C MET A 21 3.38 29.08 -5.79
N ARG A 22 2.76 28.99 -4.62
CA ARG A 22 3.33 29.32 -3.34
C ARG A 22 3.76 28.16 -2.49
N THR A 23 3.03 27.07 -2.54
CA THR A 23 3.41 25.92 -1.70
C THR A 23 3.34 24.55 -2.37
N ILE A 24 3.82 23.52 -1.68
CA ILE A 24 3.81 22.18 -2.26
C ILE A 24 2.38 21.75 -2.59
N SER A 25 2.19 21.16 -3.77
CA SER A 25 0.89 20.69 -4.21
C SER A 25 0.36 19.56 -3.34
N GLU A 26 -0.96 19.49 -3.21
CA GLU A 26 -1.62 18.41 -2.49
C GLU A 26 -1.47 17.07 -3.22
N ASP A 27 -1.16 17.16 -4.51
CA ASP A 27 -0.96 15.96 -5.33
C ASP A 27 0.45 15.40 -5.17
N ILE A 28 1.23 16.02 -4.30
CA ILE A 28 2.62 15.61 -4.05
C ILE A 28 2.84 15.35 -2.56
N LEU A 29 3.55 14.25 -2.27
CA LEU A 29 3.96 13.94 -0.90
C LEU A 29 5.42 14.32 -0.71
N PHE A 30 5.68 15.20 0.26
CA PHE A 30 7.04 15.46 0.70
C PHE A 30 7.21 15.08 2.17
N ARG A 31 8.37 14.49 2.47
CA ARG A 31 8.67 14.00 3.81
C ARG A 31 10.16 14.11 4.09
N LEU A 32 10.50 14.54 5.30
CA LEU A 32 11.87 14.42 5.79
C LEU A 32 12.18 12.96 6.07
N GLU A 33 13.42 12.56 5.82
CA GLU A 33 13.89 11.22 6.14
C GLU A 33 15.30 11.30 6.72
N LYS A 34 15.79 10.19 7.28
CA LYS A 34 17.08 10.19 7.93
C LYS A 34 18.22 10.58 6.99
N PHE A 35 18.01 10.38 5.70
CA PHE A 35 19.01 10.69 4.67
C PHE A 35 18.78 12.05 4.03
N GLY A 36 17.68 12.70 4.39
CA GLY A 36 17.32 13.98 3.82
C GLY A 36 15.81 14.09 3.68
N GLY A 37 15.29 13.68 2.52
CA GLY A 37 13.86 13.71 2.29
C GLY A 37 13.43 12.84 1.13
N ILE A 38 12.12 12.62 1.03
CA ILE A 38 11.55 11.84 -0.06
C ILE A 38 10.42 12.63 -0.73
N LEU A 39 10.37 12.55 -2.06
CA LEU A 39 9.30 13.16 -2.84
C LEU A 39 8.58 12.06 -3.61
N ILE A 40 7.25 12.05 -3.54
CA ILE A 40 6.45 11.07 -4.24
C ILE A 40 5.28 11.72 -4.96
N ASN A 41 5.16 11.44 -6.26
CA ASN A 41 4.04 11.88 -7.06
C ASN A 41 2.85 10.93 -6.84
N LYS A 42 1.74 11.48 -6.35
CA LYS A 42 0.62 10.65 -5.91
C LYS A 42 -0.19 10.08 -7.08
N THR A 43 0.18 10.45 -8.31
CA THR A 43 -0.57 10.01 -9.49
C THR A 43 0.04 8.74 -10.10
N ASN A 44 1.34 8.53 -9.89
CA ASN A 44 2.01 7.32 -10.38
C ASN A 44 2.98 6.72 -9.36
N PHE A 45 3.13 7.39 -8.23
CA PHE A 45 3.92 6.86 -7.11
C PHE A 45 5.41 6.73 -7.45
N GLU A 46 5.90 7.54 -8.37
CA GLU A 46 7.33 7.62 -8.66
C GLU A 46 8.03 8.44 -7.57
N ARG A 47 9.15 7.92 -7.08
CA ARG A 47 9.84 8.54 -5.95
C ARG A 47 11.05 9.37 -6.40
N ILE A 48 11.39 10.37 -5.57
CA ILE A 48 12.62 11.14 -5.74
C ILE A 48 13.28 11.29 -4.38
N GLU A 49 14.54 10.84 -4.28
CA GLU A 49 15.29 10.93 -3.04
C GLU A 49 16.08 12.23 -3.00
N LEU A 50 15.93 12.98 -1.90
CA LEU A 50 16.51 14.32 -1.77
C LEU A 50 17.64 14.35 -0.74
N ASP A 51 18.63 15.21 -0.96
CA ASP A 51 19.65 15.45 0.05
C ASP A 51 19.08 16.40 1.09
N GLU A 52 19.86 16.65 2.15
CA GLU A 52 19.38 17.50 3.24
C GLU A 52 19.07 18.92 2.79
N THR A 53 19.92 19.47 1.91
CA THR A 53 19.73 20.82 1.40
C THR A 53 18.37 20.94 0.71
N GLU A 54 18.11 20.03 -0.22
CA GLU A 54 16.83 20.00 -0.92
C GLU A 54 15.67 19.79 0.06
N ALA A 55 15.85 18.87 1.00
CA ALA A 55 14.80 18.49 1.94
C ALA A 55 14.44 19.64 2.86
N PHE A 56 15.45 20.26 3.46
CA PHE A 56 15.22 21.38 4.39
C PHE A 56 14.61 22.57 3.66
N PHE A 57 15.04 22.78 2.41
CA PHE A 57 14.46 23.84 1.59
C PHE A 57 12.97 23.61 1.40
N LEU A 58 12.61 22.43 0.91
CA LEU A 58 11.20 22.10 0.65
C LEU A 58 10.41 22.00 1.95
N TYR A 59 11.09 21.74 3.07
CA TYR A 59 10.42 21.71 4.36
C TYR A 59 9.98 23.12 4.74
N LEU A 60 10.80 24.11 4.38
CA LEU A 60 10.43 25.50 4.63
C LEU A 60 9.31 25.94 3.69
N VAL A 61 9.36 25.49 2.45
CA VAL A 61 8.30 25.78 1.49
C VAL A 61 6.97 25.26 2.03
N GLN A 62 7.02 24.05 2.58
CA GLN A 62 5.84 23.38 3.10
C GLN A 62 5.21 24.14 4.27
N ASN A 63 6.06 24.73 5.11
CA ASN A 63 5.61 25.37 6.33
C ASN A 63 5.58 26.89 6.30
N HIS A 64 6.21 27.50 5.29
CA HIS A 64 6.33 28.96 5.25
C HIS A 64 6.11 29.58 3.87
N GLY A 65 6.10 28.76 2.82
CA GLY A 65 5.91 29.26 1.48
C GLY A 65 7.22 29.49 0.74
N ILE A 66 7.14 29.63 -0.57
CA ILE A 66 8.33 29.66 -1.42
C ILE A 66 9.19 30.90 -1.18
N GLU A 67 8.56 32.04 -0.88
CA GLU A 67 9.28 33.29 -0.72
C GLU A 67 10.22 33.24 0.49
N ILE A 68 9.70 32.77 1.61
CA ILE A 68 10.50 32.63 2.82
C ILE A 68 11.57 31.56 2.62
N ALA A 69 11.18 30.44 2.02
CA ALA A 69 12.10 29.34 1.77
C ALA A 69 13.28 29.77 0.91
N THR A 70 12.98 30.46 -0.20
CA THR A 70 14.02 30.86 -1.14
C THR A 70 14.94 31.92 -0.54
N SER A 71 14.35 32.87 0.17
CA SER A 71 15.12 33.91 0.84
C SER A 71 16.11 33.29 1.83
N PHE A 72 15.65 32.30 2.57
CA PHE A 72 16.48 31.62 3.55
C PHE A 72 17.68 30.94 2.91
N PHE A 73 17.44 30.22 1.82
CA PHE A 73 18.47 29.44 1.14
C PHE A 73 19.05 30.17 -0.06
N LYS A 74 19.13 31.51 0.01
CA LYS A 74 19.61 32.31 -1.12
C LYS A 74 21.02 31.91 -1.53
N LYS A 75 21.87 31.64 -0.56
CA LYS A 75 23.25 31.21 -0.83
C LYS A 75 23.27 29.90 -1.61
N GLU A 76 22.45 28.93 -1.19
CA GLU A 76 22.40 27.63 -1.83
C GLU A 76 21.88 27.75 -3.26
N ILE A 77 20.89 28.60 -3.46
CA ILE A 77 20.33 28.84 -4.80
C ILE A 77 21.40 29.45 -5.68
N GLU A 78 22.15 30.39 -5.12
CA GLU A 78 23.25 31.05 -5.81
C GLU A 78 24.31 30.05 -6.25
N MET A 79 24.52 29.01 -5.45
CA MET A 79 25.53 28.00 -5.74
C MET A 79 25.01 26.89 -6.64
N GLY A 80 23.75 26.98 -7.04
CA GLY A 80 23.16 26.02 -7.97
C GLY A 80 22.68 24.72 -7.33
N LYS A 81 22.64 24.68 -6.00
CA LYS A 81 22.27 23.45 -5.31
C LYS A 81 20.81 23.09 -5.46
N LEU A 82 19.95 24.10 -5.62
CA LEU A 82 18.51 23.90 -5.61
C LEU A 82 17.89 24.03 -7.00
N GLU A 83 18.70 23.84 -8.03
CA GLU A 83 18.23 23.97 -9.40
C GLU A 83 17.16 22.93 -9.71
N ARG A 84 17.41 21.67 -9.34
CA ARG A 84 16.43 20.60 -9.58
C ARG A 84 15.14 20.86 -8.81
N ALA A 85 15.27 21.19 -7.52
CA ALA A 85 14.12 21.37 -6.65
C ALA A 85 13.21 22.49 -7.14
N LEU A 86 13.80 23.59 -7.60
CA LEU A 86 13.02 24.73 -8.09
C LEU A 86 12.35 24.41 -9.43
N SER A 87 12.94 23.48 -10.16
CA SER A 87 12.45 23.14 -11.50
C SER A 87 11.31 22.12 -11.47
N LEU A 88 11.16 21.41 -10.36
CA LEU A 88 10.15 20.36 -10.24
C LEU A 88 8.74 20.92 -10.23
N ASN A 89 7.83 20.24 -10.92
CA ASN A 89 6.43 20.63 -10.96
C ASN A 89 5.68 20.10 -9.75
N ILE A 90 5.95 20.69 -8.59
CA ILE A 90 5.39 20.22 -7.33
C ILE A 90 4.76 21.36 -6.53
N TYR A 91 4.68 22.55 -7.13
CA TYR A 91 4.22 23.74 -6.43
C TYR A 91 2.79 24.09 -6.81
N SER A 92 2.11 24.80 -5.91
CA SER A 92 0.72 25.18 -6.11
C SER A 92 0.27 26.22 -5.09
N ASP A 93 -1.01 26.58 -5.15
CA ASP A 93 -1.60 27.51 -4.20
C ASP A 93 -2.61 26.77 -3.31
N ASN A 94 -2.39 26.80 -2.01
CA ASN A 94 -3.25 26.09 -1.07
C ASN A 94 -4.01 27.03 -0.14
N ASN A 95 -4.99 26.48 0.58
CA ASN A 95 -5.73 27.22 1.58
C ASN A 95 -5.19 26.91 2.98
N ILE A 96 -4.19 26.04 3.03
CA ILE A 96 -3.55 25.68 4.29
C ILE A 96 -2.78 26.87 4.86
N GLU A 97 -2.93 27.11 6.15
CA GLU A 97 -2.20 28.20 6.81
C GLU A 97 -0.78 27.78 7.13
N ASP A 98 0.15 28.72 7.04
CA ASP A 98 1.55 28.45 7.32
C ASP A 98 1.77 28.24 8.82
N SER A 99 2.95 27.74 9.16
CA SER A 99 3.33 27.55 10.56
C SER A 99 3.47 28.88 11.28
N LEU A 100 3.06 28.92 12.54
CA LEU A 100 3.18 30.12 13.36
C LEU A 100 4.62 30.28 13.86
N ASN A 101 5.38 29.19 13.81
CA ASN A 101 6.77 29.20 14.28
C ASN A 101 7.67 30.10 13.44
N ASN A 102 8.81 30.49 14.00
CA ASN A 102 9.83 31.19 13.24
C ASN A 102 10.54 30.19 12.33
N PRO A 103 10.84 30.58 11.08
CA PRO A 103 11.51 29.67 10.16
C PRO A 103 12.77 29.02 10.74
N TYR A 104 13.43 29.71 11.65
CA TYR A 104 14.65 29.19 12.27
C TYR A 104 14.33 28.02 13.21
N GLU A 105 13.19 28.09 13.88
CA GLU A 105 12.78 27.01 14.77
C GLU A 105 12.30 25.81 13.96
N THR A 106 11.68 26.11 12.82
CA THR A 106 11.22 25.07 11.91
C THR A 106 12.41 24.27 11.38
N LEU A 107 13.48 24.99 11.04
CA LEU A 107 14.71 24.34 10.59
C LEU A 107 15.35 23.61 11.76
N GLN A 108 15.19 24.17 12.95
CA GLN A 108 15.69 23.55 14.17
C GLN A 108 15.01 22.21 14.40
N ASN A 109 13.68 22.19 14.23
CA ASN A 109 12.91 20.96 14.40
C ASN A 109 13.24 19.95 13.31
N ALA A 110 13.59 20.43 12.12
CA ALA A 110 13.93 19.55 11.02
C ALA A 110 15.21 18.76 11.33
N ARG A 111 16.20 19.44 11.88
CA ARG A 111 17.45 18.77 12.24
C ARG A 111 17.21 17.75 13.33
N LYS A 112 16.40 18.11 14.32
CA LYS A 112 16.06 17.20 15.41
C LYS A 112 15.32 15.97 14.89
N HIS A 113 14.40 16.20 13.95
CA HIS A 113 13.60 15.13 13.37
C HIS A 113 14.49 14.15 12.62
N VAL A 114 15.38 14.68 11.79
CA VAL A 114 16.31 13.85 11.01
C VAL A 114 17.22 13.04 11.94
N ALA A 115 17.72 13.68 13.00
CA ALA A 115 18.59 13.01 13.95
C ALA A 115 17.84 11.89 14.68
N LYS A 116 16.56 12.13 14.94
CA LYS A 116 15.72 11.14 15.59
C LYS A 116 15.49 9.92 14.69
N LEU A 117 15.30 10.18 13.40
CA LEU A 117 15.08 9.11 12.43
C LEU A 117 16.34 8.27 12.27
N LYS A 118 17.50 8.91 12.40
CA LYS A 118 18.77 8.19 12.33
C LYS A 118 18.93 7.26 13.53
N LYS A 119 18.56 7.75 14.71
CA LYS A 119 18.70 6.99 15.95
C LYS A 119 17.79 5.77 15.95
N HIS A 120 16.53 5.98 15.54
CA HIS A 120 15.57 4.87 15.46
C HIS A 120 15.82 4.03 14.22
N ASN A 121 16.43 4.64 13.21
CA ASN A 121 16.70 3.97 11.94
C ASN A 121 15.42 3.41 11.35
N ILE A 122 14.49 4.31 11.04
CA ILE A 122 13.21 3.94 10.46
C ILE A 122 12.78 4.97 9.42
N LEU A 123 11.87 4.57 8.54
CA LEU A 123 11.18 5.53 7.68
C LEU A 123 10.25 6.35 8.57
N SER A 124 9.98 7.59 8.18
CA SER A 124 9.29 8.54 9.05
C SER A 124 7.88 8.12 9.40
N PHE A 125 7.19 7.50 8.45
CA PHE A 125 5.79 7.13 8.64
C PHE A 125 5.40 6.12 7.56
N PRO A 126 4.37 5.29 7.82
CA PRO A 126 4.00 4.39 6.73
C PRO A 126 3.45 5.14 5.53
N LEU A 127 3.78 4.66 4.33
CA LEU A 127 3.22 5.18 3.11
C LEU A 127 1.83 4.60 2.89
N GLU A 128 1.68 3.33 3.29
CA GLU A 128 0.44 2.59 3.08
C GLU A 128 -0.32 2.37 4.40
N LEU A 129 -1.48 2.99 4.50
CA LEU A 129 -2.40 2.76 5.62
C LEU A 129 -3.61 1.95 5.14
N VAL A 130 -3.92 0.89 5.88
CA VAL A 130 -5.04 0.03 5.56
C VAL A 130 -6.00 -0.01 6.75
N ILE A 131 -7.20 0.52 6.56
CA ILE A 131 -8.18 0.57 7.64
C ILE A 131 -9.33 -0.39 7.38
N TYR A 132 -9.78 -1.04 8.45
CA TYR A 132 -10.88 -1.99 8.41
C TYR A 132 -12.00 -1.49 9.31
N PRO A 133 -12.85 -0.58 8.82
CA PRO A 133 -13.85 0.05 9.68
C PRO A 133 -14.86 -0.94 10.26
N SER A 134 -15.07 -2.06 9.57
CA SER A 134 -15.97 -3.11 10.05
C SER A 134 -15.54 -4.46 9.49
N MET A 135 -15.42 -5.45 10.38
CA MET A 135 -15.01 -6.79 9.94
C MET A 135 -16.20 -7.57 9.40
N TYR A 136 -17.41 -7.04 9.55
CA TYR A 136 -18.59 -7.69 9.02
C TYR A 136 -18.54 -7.80 7.50
N CYS A 137 -18.95 -8.96 6.98
CA CYS A 137 -19.12 -9.14 5.55
C CYS A 137 -20.36 -9.99 5.26
N ASP A 138 -21.02 -9.70 4.15
CA ASP A 138 -22.23 -10.42 3.76
C ASP A 138 -21.89 -11.73 3.03
N LEU A 139 -20.62 -11.89 2.66
CA LEU A 139 -20.15 -13.09 1.98
C LEU A 139 -19.26 -13.93 2.87
N LYS A 140 -18.83 -15.09 2.38
CA LYS A 140 -17.94 -15.97 3.12
C LYS A 140 -17.01 -16.72 2.17
N CYS A 141 -16.18 -15.96 1.45
CA CYS A 141 -15.25 -16.54 0.47
C CYS A 141 -14.37 -17.60 1.12
N GLY A 142 -14.19 -18.71 0.42
CA GLY A 142 -13.40 -19.82 0.93
C GLY A 142 -11.92 -19.47 1.06
N PHE A 143 -11.50 -18.41 0.38
CA PHE A 143 -10.10 -18.00 0.37
C PHE A 143 -9.86 -16.80 1.30
N CYS A 144 -10.91 -16.32 1.96
CA CYS A 144 -10.82 -15.13 2.81
C CYS A 144 -9.81 -15.34 3.94
N PHE A 145 -8.88 -14.39 4.11
CA PHE A 145 -7.84 -14.53 5.12
C PHE A 145 -8.33 -14.23 6.54
N LEU A 146 -9.57 -13.77 6.67
CA LEU A 146 -10.13 -13.47 7.99
C LEU A 146 -10.68 -14.72 8.66
N ALA A 147 -10.65 -14.72 10.00
CA ALA A 147 -11.16 -15.83 10.79
C ALA A 147 -12.68 -15.78 10.88
N ASN A 148 -13.20 -14.57 11.05
CA ASN A 148 -14.65 -14.38 11.12
C ASN A 148 -15.05 -13.06 10.48
N ARG A 149 -16.28 -13.01 9.97
CA ARG A 149 -16.81 -11.83 9.29
C ARG A 149 -18.02 -11.29 10.04
N GLU A 150 -17.87 -11.14 11.36
CA GLU A 150 -18.89 -10.56 12.21
C GLU A 150 -18.31 -9.36 12.94
N ASP A 151 -19.13 -8.34 13.16
CA ASP A 151 -18.69 -7.13 13.85
C ASP A 151 -19.88 -6.33 14.34
N ARG A 152 -19.94 -6.10 15.65
CA ARG A 152 -21.04 -5.38 16.28
C ARG A 152 -20.53 -4.20 17.12
N ASN A 153 -19.29 -3.78 16.86
CA ASN A 153 -18.67 -2.70 17.62
C ASN A 153 -17.90 -1.72 16.73
N ALA A 154 -18.30 -1.64 15.47
CA ALA A 154 -17.66 -0.72 14.53
C ALA A 154 -17.84 0.72 15.00
N LYS A 155 -16.80 1.54 14.84
CA LYS A 155 -16.85 2.93 15.27
C LYS A 155 -17.41 3.81 14.15
N PRO A 156 -17.98 4.96 14.52
CA PRO A 156 -18.48 5.90 13.51
C PRO A 156 -17.35 6.55 12.71
N ALA A 157 -17.69 7.16 11.58
CA ALA A 157 -16.69 7.76 10.69
C ALA A 157 -15.90 8.88 11.37
N LYS A 158 -16.55 9.56 12.32
CA LYS A 158 -15.90 10.67 13.01
C LYS A 158 -14.65 10.20 13.77
N ASP A 159 -14.71 8.98 14.29
CA ASP A 159 -13.56 8.41 15.00
C ASP A 159 -12.45 8.06 14.02
N TRP A 160 -12.83 7.60 12.83
CA TRP A 160 -11.87 7.26 11.80
C TRP A 160 -11.26 8.52 11.17
N GLU A 161 -12.01 9.61 11.19
CA GLU A 161 -11.53 10.88 10.66
C GLU A 161 -10.28 11.34 11.40
N ARG A 162 -10.27 11.11 12.71
CA ARG A 162 -9.13 11.48 13.53
C ARG A 162 -7.90 10.67 13.14
N ILE A 163 -8.12 9.44 12.70
CA ILE A 163 -7.04 8.56 12.25
C ILE A 163 -6.47 9.06 10.93
N LEU A 164 -7.36 9.38 10.00
CA LEU A 164 -6.96 9.86 8.68
C LEU A 164 -6.19 11.17 8.77
N ARG A 165 -6.62 12.05 9.67
CA ARG A 165 -5.96 13.35 9.84
C ARG A 165 -4.52 13.15 10.30
N GLN A 166 -4.32 12.28 11.28
CA GLN A 166 -2.99 11.93 11.74
C GLN A 166 -2.14 11.40 10.58
N ALA A 167 -2.73 10.49 9.81
CA ALA A 167 -2.03 9.85 8.70
C ALA A 167 -1.57 10.89 7.69
N LYS A 168 -2.46 11.80 7.32
CA LYS A 168 -2.13 12.83 6.36
C LYS A 168 -1.02 13.74 6.87
N ASP A 169 -1.15 14.21 8.10
CA ASP A 169 -0.19 15.15 8.66
C ASP A 169 1.21 14.55 8.80
N ASN A 170 1.28 13.24 8.98
CA ASN A 170 2.57 12.56 9.15
C ASN A 170 3.12 11.99 7.84
N GLY A 171 2.41 12.27 6.74
CA GLY A 171 2.93 11.98 5.42
C GLY A 171 2.60 10.59 4.89
N VAL A 172 1.37 10.14 5.10
CA VAL A 172 0.91 8.91 4.47
C VAL A 172 0.78 9.17 2.97
N LEU A 173 0.96 8.13 2.16
CA LEU A 173 0.83 8.24 0.71
C LEU A 173 -0.57 7.86 0.26
N SER A 174 -1.08 6.73 0.74
CA SER A 174 -2.37 6.24 0.33
C SER A 174 -3.12 5.53 1.46
N VAL A 175 -4.45 5.51 1.36
CA VAL A 175 -5.30 4.82 2.30
C VAL A 175 -6.14 3.78 1.56
N SER A 176 -6.16 2.56 2.10
CA SER A 176 -6.99 1.49 1.55
C SER A 176 -8.09 1.12 2.53
N ILE A 177 -9.34 1.17 2.06
CA ILE A 177 -10.49 0.82 2.87
C ILE A 177 -10.93 -0.60 2.58
N LEU A 178 -10.74 -1.48 3.56
CA LEU A 178 -11.07 -2.90 3.42
C LEU A 178 -12.08 -3.34 4.49
N GLY A 179 -11.95 -4.57 4.94
CA GLY A 179 -12.87 -5.16 5.91
C GLY A 179 -12.69 -6.68 5.85
N GLY A 180 -13.76 -7.46 5.90
CA GLY A 180 -15.13 -6.98 5.91
C GLY A 180 -15.53 -6.42 4.56
N GLU A 181 -16.83 -6.24 4.35
CA GLU A 181 -17.33 -5.56 3.17
C GLU A 181 -17.55 -4.09 3.52
N PRO A 182 -16.66 -3.19 3.04
CA PRO A 182 -16.74 -1.79 3.46
C PRO A 182 -18.00 -1.07 3.00
N THR A 183 -18.68 -1.60 1.98
CA THR A 183 -19.91 -0.98 1.50
C THR A 183 -21.10 -1.43 2.35
N ARG A 184 -20.87 -2.35 3.27
CA ARG A 184 -21.88 -2.76 4.24
C ARG A 184 -21.64 -2.06 5.59
N TYR A 185 -20.50 -1.40 5.72
CA TYR A 185 -20.23 -0.53 6.87
C TYR A 185 -21.25 0.60 6.86
N PHE A 186 -21.94 0.78 7.98
N PHE A 186 -21.94 0.78 7.98
CA PHE A 186 -23.07 1.69 8.07
CA PHE A 186 -23.08 1.70 8.04
C PHE A 186 -22.67 3.14 7.76
C PHE A 186 -22.67 3.14 7.74
N ASP A 187 -21.47 3.53 8.15
CA ASP A 187 -21.00 4.91 7.98
C ASP A 187 -19.98 5.07 6.84
N ILE A 188 -20.11 4.24 5.81
CA ILE A 188 -19.13 4.25 4.72
C ILE A 188 -19.16 5.55 3.91
N ASP A 189 -20.36 6.09 3.67
CA ASP A 189 -20.49 7.29 2.85
C ASP A 189 -19.74 8.48 3.47
N ASN A 190 -19.92 8.68 4.77
CA ASN A 190 -19.23 9.75 5.48
C ASN A 190 -17.72 9.53 5.49
N LEU A 191 -17.31 8.27 5.58
CA LEU A 191 -15.89 7.93 5.58
C LEU A 191 -15.26 8.28 4.24
N LEU A 192 -15.95 7.95 3.15
CA LEU A 192 -15.48 8.26 1.81
C LEU A 192 -15.42 9.77 1.58
N ILE A 193 -16.47 10.46 2.01
CA ILE A 193 -16.51 11.92 1.88
C ILE A 193 -15.36 12.55 2.67
N ALA A 194 -15.03 11.97 3.82
CA ALA A 194 -13.93 12.47 4.63
C ALA A 194 -12.60 12.32 3.90
N CYS A 195 -12.44 11.23 3.17
CA CYS A 195 -11.21 11.00 2.41
C CYS A 195 -11.09 11.98 1.26
N GLU A 196 -12.20 12.23 0.59
CA GLU A 196 -12.25 13.17 -0.53
C GLU A 196 -11.88 14.57 -0.06
N GLU A 197 -12.48 14.99 1.05
CA GLU A 197 -12.27 16.33 1.58
C GLU A 197 -10.84 16.54 2.06
N LEU A 198 -10.21 15.49 2.58
CA LEU A 198 -8.82 15.57 3.03
C LEU A 198 -7.86 15.38 1.86
N LYS A 199 -8.40 15.09 0.69
CA LYS A 199 -7.60 14.95 -0.53
C LYS A 199 -6.58 13.82 -0.39
N ILE A 200 -6.97 12.75 0.28
CA ILE A 200 -6.09 11.59 0.47
C ILE A 200 -6.29 10.62 -0.70
N LYS A 201 -5.18 10.23 -1.33
CA LYS A 201 -5.24 9.22 -2.38
C LYS A 201 -5.76 7.92 -1.78
N THR A 202 -6.95 7.51 -2.20
CA THR A 202 -7.67 6.44 -1.53
C THR A 202 -8.17 5.39 -2.49
N THR A 203 -8.25 4.16 -2.00
CA THR A 203 -8.93 3.08 -2.70
C THR A 203 -9.91 2.40 -1.76
N ILE A 204 -10.96 1.84 -2.33
CA ILE A 204 -11.90 1.00 -1.58
C ILE A 204 -12.14 -0.27 -2.39
N THR A 205 -12.04 -1.42 -1.72
CA THR A 205 -12.16 -2.71 -2.37
C THR A 205 -13.44 -3.41 -1.91
N THR A 206 -14.28 -3.83 -2.87
CA THR A 206 -15.62 -4.31 -2.56
C THR A 206 -16.07 -5.49 -3.43
N ASN A 207 -16.95 -6.33 -2.89
CA ASN A 207 -17.52 -7.43 -3.65
C ASN A 207 -18.67 -6.96 -4.53
N ALA A 208 -19.06 -5.69 -4.34
CA ALA A 208 -19.96 -4.98 -5.25
C ALA A 208 -21.39 -5.53 -5.27
N GLN A 209 -21.73 -6.42 -4.34
CA GLN A 209 -23.04 -7.06 -4.37
C GLN A 209 -24.17 -6.10 -3.98
N LEU A 210 -24.10 -5.53 -2.78
CA LEU A 210 -25.13 -4.62 -2.29
C LEU A 210 -24.58 -3.23 -1.98
N ILE A 211 -23.80 -2.68 -2.90
CA ILE A 211 -23.29 -1.32 -2.73
C ILE A 211 -24.42 -0.31 -2.94
N LYS A 212 -24.51 0.67 -2.04
CA LYS A 212 -25.61 1.64 -2.06
C LYS A 212 -25.50 2.58 -3.26
N LYS A 213 -26.64 3.13 -3.68
CA LYS A 213 -26.67 4.07 -4.79
C LYS A 213 -25.91 5.35 -4.43
N SER A 214 -26.04 5.75 -3.16
CA SER A 214 -25.35 6.94 -2.66
C SER A 214 -23.83 6.72 -2.67
N THR A 215 -23.41 5.50 -2.38
CA THR A 215 -21.99 5.18 -2.34
C THR A 215 -21.40 5.19 -3.75
N VAL A 216 -22.13 4.61 -4.70
CA VAL A 216 -21.69 4.59 -6.10
C VAL A 216 -21.57 6.00 -6.66
N GLU A 217 -22.51 6.86 -6.27
CA GLU A 217 -22.52 8.24 -6.74
C GLU A 217 -21.31 9.01 -6.21
N ILE A 218 -20.98 8.80 -4.94
CA ILE A 218 -19.82 9.44 -4.34
C ILE A 218 -18.54 9.02 -5.06
N LEU A 219 -18.44 7.73 -5.37
CA LEU A 219 -17.26 7.21 -6.06
C LEU A 219 -17.17 7.73 -7.49
N ALA A 220 -18.31 7.74 -8.18
CA ALA A 220 -18.36 8.16 -9.57
C ALA A 220 -17.87 9.61 -9.77
N LYS A 221 -18.14 10.45 -8.78
CA LYS A 221 -17.77 11.87 -8.86
C LYS A 221 -16.48 12.18 -8.12
N SER A 222 -15.90 11.17 -7.47
CA SER A 222 -14.70 11.35 -6.67
C SER A 222 -13.46 11.58 -7.54
N LYS A 223 -12.54 12.40 -7.03
CA LYS A 223 -11.26 12.64 -7.67
C LYS A 223 -10.14 11.81 -7.03
N TYR A 224 -10.28 11.57 -5.72
CA TYR A 224 -9.21 10.98 -4.94
C TYR A 224 -9.43 9.50 -4.57
N ILE A 225 -10.61 8.97 -4.89
CA ILE A 225 -10.97 7.60 -4.51
C ILE A 225 -11.16 6.71 -5.74
N THR A 226 -10.46 5.58 -5.76
CA THR A 226 -10.60 4.61 -6.85
C THR A 226 -11.23 3.31 -6.33
N PRO A 227 -12.33 2.87 -6.95
CA PRO A 227 -12.93 1.59 -6.53
C PRO A 227 -12.20 0.38 -7.12
N VAL A 228 -12.05 -0.66 -6.30
CA VAL A 228 -11.51 -1.95 -6.74
C VAL A 228 -12.56 -3.04 -6.54
N LEU A 229 -12.86 -3.77 -7.61
CA LEU A 229 -13.88 -4.81 -7.54
C LEU A 229 -13.23 -6.19 -7.37
N SER A 230 -13.72 -6.95 -6.40
CA SER A 230 -13.24 -8.32 -6.19
C SER A 230 -14.00 -9.29 -7.06
N LEU A 231 -13.31 -9.81 -8.07
CA LEU A 231 -13.91 -10.70 -9.06
C LEU A 231 -12.90 -11.75 -9.47
N GLN A 232 -13.26 -13.03 -9.32
CA GLN A 232 -12.32 -14.12 -9.55
C GLN A 232 -12.34 -14.60 -11.01
N THR A 233 -13.51 -14.56 -11.62
CA THR A 233 -13.68 -15.07 -12.97
C THR A 233 -15.06 -14.73 -13.53
N LEU A 234 -15.16 -14.65 -14.84
CA LEU A 234 -16.44 -14.43 -15.50
C LEU A 234 -17.29 -15.69 -15.48
N ASP A 235 -16.63 -16.83 -15.37
CA ASP A 235 -17.32 -18.11 -15.26
C ASP A 235 -18.22 -18.11 -14.03
N SER A 236 -19.53 -18.11 -14.26
CA SER A 236 -20.52 -17.98 -13.19
C SER A 236 -20.43 -19.14 -12.20
N LYS A 237 -20.19 -20.35 -12.71
CA LYS A 237 -20.08 -21.53 -11.88
C LYS A 237 -18.91 -21.44 -10.91
N LEU A 238 -17.72 -21.11 -11.44
CA LEU A 238 -16.51 -21.10 -10.63
C LEU A 238 -16.49 -19.95 -9.62
N ASN A 239 -16.98 -18.78 -10.03
CA ASN A 239 -16.98 -17.62 -9.14
C ASN A 239 -17.89 -17.86 -7.95
N PHE A 240 -19.00 -18.55 -8.19
CA PHE A 240 -19.92 -18.88 -7.11
C PHE A 240 -19.25 -19.84 -6.12
N GLU A 241 -18.45 -20.76 -6.64
CA GLU A 241 -17.72 -21.70 -5.80
C GLU A 241 -16.73 -20.97 -4.89
N LEU A 242 -16.11 -19.91 -5.41
CA LEU A 242 -15.05 -19.22 -4.70
C LEU A 242 -15.58 -18.13 -3.78
N MET A 243 -16.61 -17.40 -4.21
CA MET A 243 -17.12 -16.26 -3.48
C MET A 243 -18.52 -16.48 -2.90
N GLY A 244 -19.26 -17.43 -3.48
CA GLY A 244 -20.62 -17.69 -3.05
C GLY A 244 -21.62 -16.78 -3.76
N VAL A 245 -21.15 -16.09 -4.79
CA VAL A 245 -22.02 -15.23 -5.60
C VAL A 245 -21.61 -15.28 -7.06
N ARG A 246 -22.55 -14.93 -7.94
CA ARG A 246 -22.26 -14.81 -9.36
C ARG A 246 -21.42 -13.56 -9.61
N PRO A 247 -20.83 -13.46 -10.80
CA PRO A 247 -20.01 -12.29 -11.16
C PRO A 247 -20.86 -11.14 -11.69
N ASP A 248 -22.17 -11.33 -11.74
CA ASP A 248 -23.09 -10.40 -12.38
C ASP A 248 -22.96 -8.97 -11.85
N ARG A 249 -22.93 -8.83 -10.53
CA ARG A 249 -22.90 -7.52 -9.90
C ARG A 249 -21.59 -6.77 -10.18
N GLN A 250 -20.48 -7.48 -10.07
CA GLN A 250 -19.18 -6.88 -10.36
C GLN A 250 -19.08 -6.45 -11.82
N ILE A 251 -19.53 -7.33 -12.71
CA ILE A 251 -19.55 -7.05 -14.15
C ILE A 251 -20.36 -5.78 -14.44
N LYS A 252 -21.56 -5.72 -13.87
CA LYS A 252 -22.48 -4.62 -14.11
C LYS A 252 -21.94 -3.28 -13.62
N LEU A 253 -21.27 -3.30 -12.47
CA LEU A 253 -20.75 -2.08 -11.86
C LEU A 253 -19.51 -1.59 -12.59
N ALA A 254 -18.72 -2.52 -13.12
CA ALA A 254 -17.53 -2.16 -13.89
C ALA A 254 -17.93 -1.45 -15.18
N LYS A 255 -18.97 -1.95 -15.82
CA LYS A 255 -19.51 -1.32 -17.03
C LYS A 255 -20.00 0.09 -16.73
N TYR A 256 -20.72 0.24 -15.62
CA TYR A 256 -21.28 1.53 -15.26
C TYR A 256 -20.21 2.60 -15.08
N PHE A 257 -19.16 2.26 -14.34
CA PHE A 257 -18.07 3.19 -14.09
C PHE A 257 -17.40 3.62 -15.39
N ASN A 258 -17.32 2.70 -16.36
CA ASN A 258 -16.79 3.04 -17.66
C ASN A 258 -17.66 4.07 -18.37
N GLU A 259 -18.97 3.84 -18.34
CA GLU A 259 -19.92 4.69 -19.05
C GLU A 259 -20.00 6.11 -18.49
N VAL A 260 -19.66 6.27 -17.21
CA VAL A 260 -19.67 7.59 -16.58
C VAL A 260 -18.27 8.19 -16.54
N GLY A 261 -17.29 7.45 -17.07
CA GLY A 261 -15.94 7.95 -17.21
C GLY A 261 -15.12 7.90 -15.93
N LYS A 262 -15.45 6.95 -15.06
CA LYS A 262 -14.76 6.79 -13.78
C LYS A 262 -13.80 5.61 -13.81
N LYS A 263 -12.58 5.84 -13.36
CA LYS A 263 -11.57 4.78 -13.28
C LYS A 263 -11.99 3.70 -12.30
N CYS A 264 -11.78 2.44 -12.68
CA CYS A 264 -12.18 1.30 -11.88
C CYS A 264 -11.22 0.14 -12.08
N ARG A 265 -10.91 -0.58 -11.01
CA ARG A 265 -9.94 -1.66 -11.04
C ARG A 265 -10.56 -2.99 -10.62
N ILE A 266 -9.87 -4.08 -10.92
CA ILE A 266 -10.29 -5.41 -10.55
C ILE A 266 -9.13 -6.21 -9.96
N ASN A 267 -9.40 -6.88 -8.84
CA ASN A 267 -8.41 -7.74 -8.20
C ASN A 267 -8.97 -9.14 -8.01
N ALA A 268 -8.22 -10.12 -8.51
CA ALA A 268 -8.57 -11.53 -8.38
C ALA A 268 -7.51 -12.24 -7.54
N VAL A 269 -7.94 -13.21 -6.75
CA VAL A 269 -7.00 -14.04 -6.01
C VAL A 269 -6.77 -15.33 -6.80
N TYR A 270 -5.51 -15.66 -7.02
CA TYR A 270 -5.16 -16.82 -7.82
C TYR A 270 -5.34 -18.11 -7.02
N THR A 271 -6.56 -18.67 -7.07
CA THR A 271 -6.87 -19.87 -6.31
C THR A 271 -6.86 -21.11 -7.21
N LYS A 272 -7.81 -21.20 -8.13
CA LYS A 272 -7.90 -22.34 -9.03
C LYS A 272 -8.42 -21.98 -10.42
N GLN A 273 -8.23 -20.73 -10.83
CA GLN A 273 -8.58 -20.32 -12.18
C GLN A 273 -7.69 -21.03 -13.19
N SER A 274 -8.23 -21.30 -14.36
CA SER A 274 -7.43 -21.78 -15.49
C SER A 274 -6.93 -20.58 -16.27
N TYR A 275 -5.93 -20.80 -17.12
CA TYR A 275 -5.40 -19.72 -17.95
C TYR A 275 -6.50 -19.13 -18.84
N GLU A 276 -7.31 -20.00 -19.43
CA GLU A 276 -8.39 -19.55 -20.32
C GLU A 276 -9.38 -18.66 -19.58
N GLN A 277 -9.59 -18.94 -18.30
CA GLN A 277 -10.51 -18.15 -17.49
C GLN A 277 -9.91 -16.79 -17.15
N ILE A 278 -8.60 -16.76 -16.92
CA ILE A 278 -7.91 -15.50 -16.65
C ILE A 278 -7.97 -14.61 -17.88
N ILE A 279 -7.72 -15.21 -19.05
CA ILE A 279 -7.72 -14.47 -20.31
C ILE A 279 -9.11 -13.89 -20.58
N GLU A 280 -10.16 -14.63 -20.22
CA GLU A 280 -11.52 -14.13 -20.33
C GLU A 280 -11.67 -12.84 -19.54
N LEU A 281 -11.08 -12.82 -18.35
CA LEU A 281 -11.12 -11.65 -17.50
C LEU A 281 -10.30 -10.51 -18.12
N VAL A 282 -9.13 -10.86 -18.67
CA VAL A 282 -8.27 -9.89 -19.33
C VAL A 282 -9.01 -9.18 -20.46
N ASP A 283 -9.72 -9.95 -21.28
CA ASP A 283 -10.49 -9.40 -22.39
C ASP A 283 -11.59 -8.48 -21.88
N PHE A 284 -12.21 -8.87 -20.78
CA PHE A 284 -13.28 -8.06 -20.19
C PHE A 284 -12.73 -6.73 -19.73
N CYS A 285 -11.57 -6.78 -19.06
CA CYS A 285 -10.93 -5.57 -18.57
C CYS A 285 -10.53 -4.63 -19.71
N ILE A 286 -10.12 -5.22 -20.83
CA ILE A 286 -9.72 -4.44 -22.01
C ILE A 286 -10.91 -3.70 -22.60
N GLU A 287 -11.99 -4.43 -22.86
CA GLU A 287 -13.15 -3.85 -23.53
C GLU A 287 -13.86 -2.82 -22.67
N ASN A 288 -13.88 -3.04 -21.36
CA ASN A 288 -14.55 -2.10 -20.45
C ASN A 288 -13.59 -1.09 -19.84
N LYS A 289 -12.38 -1.02 -20.39
CA LYS A 289 -11.41 0.01 -20.01
C LYS A 289 -11.11 0.03 -18.51
N ILE A 290 -10.85 -1.14 -17.96
CA ILE A 290 -10.41 -1.25 -16.57
C ILE A 290 -9.05 -0.56 -16.42
N ASP A 291 -8.90 0.19 -15.34
CA ASP A 291 -7.69 0.98 -15.12
C ASP A 291 -6.53 0.11 -14.66
N ARG A 292 -6.84 -1.00 -13.99
CA ARG A 292 -5.83 -1.92 -13.50
C ARG A 292 -6.44 -3.26 -13.15
N PHE A 293 -5.87 -4.33 -13.71
CA PHE A 293 -6.28 -5.69 -13.39
C PHE A 293 -5.14 -6.39 -12.68
N SER A 294 -5.38 -6.78 -11.43
CA SER A 294 -4.35 -7.44 -10.62
C SER A 294 -4.76 -8.86 -10.24
N VAL A 295 -3.80 -9.78 -10.31
CA VAL A 295 -3.98 -11.15 -9.85
C VAL A 295 -3.09 -11.37 -8.63
N ALA A 296 -3.71 -11.61 -7.49
CA ALA A 296 -2.97 -11.71 -6.24
C ALA A 296 -2.58 -13.15 -5.91
N ASN A 297 -1.42 -13.29 -5.28
CA ASN A 297 -1.02 -14.55 -4.68
C ASN A 297 -2.00 -14.93 -3.58
N TYR A 298 -2.38 -16.20 -3.54
CA TYR A 298 -3.26 -16.71 -2.48
C TYR A 298 -2.45 -16.89 -1.20
N SER A 299 -2.65 -16.00 -0.24
CA SER A 299 -1.85 -15.98 0.99
C SER A 299 -2.52 -16.75 2.12
N GLU A 300 -1.77 -17.67 2.72
CA GLU A 300 -2.25 -18.45 3.86
C GLU A 300 -1.66 -17.91 5.17
N VAL A 301 -1.02 -16.74 5.10
CA VAL A 301 -0.22 -16.23 6.20
C VAL A 301 -1.00 -16.05 7.51
N THR A 302 -2.29 -15.74 7.42
CA THR A 302 -3.10 -15.53 8.61
C THR A 302 -3.41 -16.84 9.30
N GLY A 303 -3.52 -17.91 8.51
CA GLY A 303 -3.79 -19.24 9.04
C GLY A 303 -5.28 -19.53 9.19
N TYR A 304 -6.12 -18.73 8.55
CA TYR A 304 -7.57 -18.87 8.66
C TYR A 304 -8.22 -19.26 7.33
N THR A 305 -7.42 -19.33 6.27
CA THR A 305 -7.95 -19.67 4.96
C THR A 305 -8.38 -21.14 4.91
N LYS A 306 -9.36 -21.43 4.05
CA LYS A 306 -9.97 -22.76 4.00
C LYS A 306 -9.64 -23.51 2.70
N ILE A 307 -9.86 -22.87 1.56
CA ILE A 307 -9.56 -23.48 0.27
C ILE A 307 -8.08 -23.82 0.18
N LYS A 308 -7.79 -25.01 -0.36
CA LYS A 308 -6.41 -25.46 -0.50
C LYS A 308 -5.66 -24.58 -1.50
N LYS A 309 -4.42 -24.23 -1.16
CA LYS A 309 -3.59 -23.41 -2.03
C LYS A 309 -2.96 -24.28 -3.12
N LYS A 310 -3.42 -24.10 -4.35
CA LYS A 310 -3.00 -24.93 -5.47
C LYS A 310 -1.70 -24.43 -6.12
N TYR A 311 -1.57 -23.11 -6.24
CA TYR A 311 -0.44 -22.51 -6.95
C TYR A 311 0.51 -21.78 -6.01
N ASP A 312 1.80 -21.81 -6.34
CA ASP A 312 2.81 -21.08 -5.58
C ASP A 312 3.26 -19.83 -6.34
N LEU A 313 4.27 -19.14 -5.82
CA LEU A 313 4.74 -17.90 -6.41
C LEU A 313 5.39 -18.13 -7.77
N ALA A 314 6.02 -19.30 -7.93
CA ALA A 314 6.60 -19.66 -9.22
C ALA A 314 5.49 -19.82 -10.25
N ASP A 315 4.37 -20.37 -9.83
CA ASP A 315 3.21 -20.52 -10.71
C ASP A 315 2.61 -19.16 -11.03
N LEU A 316 2.71 -18.22 -10.09
CA LEU A 316 2.18 -16.87 -10.31
C LEU A 316 3.00 -16.15 -11.38
N ARG A 317 4.31 -16.34 -11.36
CA ARG A 317 5.16 -15.78 -12.40
C ARG A 317 4.80 -16.40 -13.74
N ARG A 318 4.58 -17.72 -13.74
CA ARG A 318 4.22 -18.44 -14.95
C ARG A 318 2.97 -17.81 -15.60
N LEU A 319 2.02 -17.44 -14.76
CA LEU A 319 0.79 -16.79 -15.24
C LEU A 319 1.11 -15.41 -15.79
N ASN A 320 1.97 -14.68 -15.08
CA ASN A 320 2.38 -13.34 -15.53
C ASN A 320 3.00 -13.38 -16.92
N GLU A 321 3.86 -14.37 -17.15
CA GLU A 321 4.50 -14.54 -18.45
C GLU A 321 3.47 -14.83 -19.54
N TYR A 322 2.54 -15.73 -19.24
CA TYR A 322 1.51 -16.14 -20.19
C TYR A 322 0.59 -14.98 -20.56
N VAL A 323 0.16 -14.21 -19.57
CA VAL A 323 -0.78 -13.11 -19.80
C VAL A 323 -0.10 -11.95 -20.54
N THR A 324 1.12 -11.60 -20.13
CA THR A 324 1.82 -10.49 -20.77
C THR A 324 2.11 -10.80 -22.23
N ASP A 325 2.37 -12.07 -22.54
CA ASP A 325 2.59 -12.50 -23.91
C ASP A 325 1.31 -12.39 -24.73
N TYR A 326 0.21 -12.79 -24.13
CA TYR A 326 -1.10 -12.71 -24.78
C TYR A 326 -1.46 -11.26 -25.12
N ILE A 327 -1.24 -10.36 -24.16
CA ILE A 327 -1.54 -8.94 -24.37
C ILE A 327 -0.69 -8.39 -25.50
N THR A 328 0.59 -8.74 -25.50
CA THR A 328 1.51 -8.26 -26.54
C THR A 328 1.17 -8.86 -27.89
N GLN A 329 1.06 -10.19 -27.96
CA GLN A 329 0.81 -10.89 -29.21
C GLN A 329 -0.54 -10.50 -29.81
N ARG A 330 -1.52 -10.22 -28.97
CA ARG A 330 -2.83 -9.79 -29.43
C ARG A 330 -2.86 -8.28 -29.72
N GLU A 331 -1.74 -7.60 -29.44
CA GLU A 331 -1.63 -6.17 -29.65
C GLU A 331 -2.71 -5.41 -28.89
N ALA A 332 -2.82 -5.70 -27.59
CA ALA A 332 -3.77 -5.03 -26.72
C ALA A 332 -3.03 -4.22 -25.67
N ASN A 333 -3.78 -3.38 -24.95
CA ASN A 333 -3.22 -2.59 -23.86
C ASN A 333 -4.02 -2.79 -22.57
N LEU A 334 -3.31 -3.10 -21.49
CA LEU A 334 -3.93 -3.33 -20.19
C LEU A 334 -2.89 -3.26 -19.09
N ASN A 335 -3.11 -2.39 -18.11
CA ASN A 335 -2.25 -2.32 -16.95
C ASN A 335 -2.43 -3.57 -16.08
N PHE A 336 -1.74 -4.65 -16.48
CA PHE A 336 -1.84 -5.93 -15.78
C PHE A 336 -0.70 -6.10 -14.79
N ALA A 337 -0.99 -6.76 -13.67
CA ALA A 337 -0.01 -6.97 -12.63
C ALA A 337 -0.28 -8.26 -11.83
N THR A 338 0.79 -8.91 -11.40
CA THR A 338 0.70 -10.00 -10.43
C THR A 338 1.39 -9.55 -9.14
N GLU A 339 0.78 -9.83 -8.01
CA GLU A 339 1.26 -9.33 -6.72
C GLU A 339 1.28 -10.39 -5.64
N GLY A 340 2.28 -10.30 -4.77
CA GLY A 340 2.39 -11.19 -3.63
C GLY A 340 3.74 -11.02 -2.96
N CYS A 341 3.76 -11.15 -1.63
CA CYS A 341 5.01 -11.05 -0.89
C CYS A 341 6.00 -12.12 -1.36
N HIS A 342 7.26 -11.74 -1.45
CA HIS A 342 8.35 -12.64 -1.84
C HIS A 342 8.20 -13.17 -3.27
N LEU A 343 7.44 -12.46 -4.09
CA LEU A 343 7.28 -12.84 -5.49
C LEU A 343 8.62 -12.83 -6.22
N PHE A 344 9.58 -12.07 -5.71
CA PHE A 344 10.89 -11.95 -6.35
C PHE A 344 11.68 -13.26 -6.29
N THR A 345 11.32 -14.14 -5.36
CA THR A 345 12.02 -15.42 -5.23
C THR A 345 11.81 -16.30 -6.46
N ALA A 346 10.84 -15.93 -7.29
CA ALA A 346 10.57 -16.65 -8.53
C ALA A 346 11.36 -16.06 -9.70
N TYR A 347 12.24 -15.11 -9.41
CA TYR A 347 13.07 -14.46 -10.42
C TYR A 347 14.55 -14.60 -10.10
N PRO A 348 15.06 -15.84 -10.11
CA PRO A 348 16.46 -16.10 -9.72
C PRO A 348 17.47 -15.42 -10.64
N GLU A 349 17.14 -15.27 -11.92
CA GLU A 349 18.05 -14.68 -12.89
C GLU A 349 18.31 -13.19 -12.59
N LEU A 350 17.39 -12.57 -11.86
CA LEU A 350 17.51 -11.14 -11.55
C LEU A 350 18.23 -10.92 -10.22
N ILE A 351 18.48 -11.99 -9.49
CA ILE A 351 19.07 -11.90 -8.16
C ILE A 351 20.56 -12.22 -8.18
N ASN A 352 21.35 -11.30 -7.64
CA ASN A 352 22.79 -11.50 -7.50
C ASN A 352 23.35 -10.62 -6.40
N ASN A 353 24.61 -10.83 -6.05
CA ASN A 353 25.23 -10.12 -4.94
C ASN A 353 25.77 -8.75 -5.32
N SER A 354 25.54 -8.33 -6.58
CA SER A 354 25.95 -7.01 -7.03
C SER A 354 24.79 -6.01 -6.89
N ILE A 355 23.63 -6.50 -6.45
CA ILE A 355 22.48 -5.63 -6.20
C ILE A 355 22.80 -4.67 -5.06
N GLU A 356 22.58 -3.38 -5.30
CA GLU A 356 22.81 -2.35 -4.31
C GLU A 356 21.58 -1.45 -4.21
N PHE A 357 21.06 -1.30 -3.00
CA PHE A 357 19.89 -0.47 -2.75
C PHE A 357 20.29 0.87 -2.14
N SER A 358 19.49 1.90 -2.45
CA SER A 358 19.62 3.18 -1.76
C SER A 358 19.12 3.01 -0.34
N GLU A 359 19.36 4.01 0.51
CA GLU A 359 18.95 3.94 1.91
C GLU A 359 17.44 3.75 2.02
N PHE A 360 16.70 4.36 1.12
CA PHE A 360 15.24 4.27 1.15
C PHE A 360 14.75 2.93 0.61
N ASP A 361 15.23 2.55 -0.57
CA ASP A 361 14.78 1.32 -1.22
C ASP A 361 15.03 0.08 -0.36
N GLU A 362 16.12 0.10 0.41
CA GLU A 362 16.47 -1.05 1.24
C GLU A 362 15.45 -1.27 2.35
N MET A 363 14.77 -0.20 2.75
CA MET A 363 13.78 -0.28 3.81
C MET A 363 12.37 -0.36 3.23
N TYR A 364 12.24 -0.01 1.95
CA TYR A 364 10.94 -0.01 1.28
C TYR A 364 10.62 -1.35 0.62
N TYR A 365 11.57 -1.89 -0.13
CA TYR A 365 11.35 -3.15 -0.84
C TYR A 365 11.31 -4.35 0.11
N GLY A 366 10.60 -5.39 -0.30
CA GLY A 366 10.50 -6.61 0.48
C GLY A 366 9.27 -6.64 1.37
N CYS A 367 9.49 -6.78 2.68
CA CYS A 367 8.41 -6.82 3.64
C CYS A 367 7.97 -5.39 4.00
N ARG A 368 6.78 -5.02 3.55
CA ARG A 368 6.28 -3.68 3.76
C ARG A 368 5.85 -3.43 5.20
N ALA A 369 5.68 -4.51 5.95
CA ALA A 369 5.26 -4.42 7.35
C ALA A 369 6.31 -3.76 8.22
N LYS A 370 7.55 -3.77 7.76
CA LYS A 370 8.66 -3.24 8.56
C LYS A 370 8.63 -1.71 8.65
N TYR A 371 8.63 -1.04 7.50
CA TYR A 371 8.88 0.41 7.46
C TYR A 371 7.93 1.23 6.58
N THR A 372 6.94 0.59 5.96
CA THR A 372 6.10 1.30 4.99
C THR A 372 4.60 1.03 5.10
N LYS A 373 4.21 0.07 5.95
CA LYS A 373 2.81 -0.33 6.04
C LYS A 373 2.29 -0.34 7.47
N MET A 374 1.02 0.04 7.61
CA MET A 374 0.29 -0.04 8.87
C MET A 374 -1.15 -0.42 8.57
N GLU A 375 -1.70 -1.33 9.38
CA GLU A 375 -3.07 -1.80 9.19
C GLU A 375 -3.85 -1.68 10.50
N ILE A 376 -5.04 -1.09 10.43
CA ILE A 376 -5.84 -0.83 11.62
C ILE A 376 -7.18 -1.57 11.54
N MET A 377 -7.39 -2.51 12.45
CA MET A 377 -8.62 -3.30 12.51
C MET A 377 -9.77 -2.45 13.04
N SER A 378 -10.99 -3.00 12.99
CA SER A 378 -12.18 -2.26 13.38
C SER A 378 -12.17 -1.88 14.86
N ASN A 379 -11.52 -2.69 15.69
CA ASN A 379 -11.44 -2.43 17.12
C ASN A 379 -10.28 -1.50 17.47
N GLY A 380 -9.58 -1.02 16.45
CA GLY A 380 -8.50 -0.07 16.64
C GLY A 380 -7.12 -0.70 16.69
N ASP A 381 -7.06 -2.03 16.73
CA ASP A 381 -5.78 -2.74 16.77
C ASP A 381 -4.87 -2.32 15.62
N ILE A 382 -3.66 -1.88 15.97
CA ILE A 382 -2.67 -1.50 14.97
C ILE A 382 -1.75 -2.68 14.67
N LEU A 383 -1.81 -3.16 13.44
CA LEU A 383 -0.94 -4.26 13.00
C LEU A 383 0.07 -3.76 11.96
N PRO A 384 1.30 -4.30 12.00
CA PRO A 384 2.24 -4.03 10.90
C PRO A 384 1.76 -4.66 9.61
N CYS A 385 0.97 -5.72 9.75
CA CYS A 385 0.43 -6.45 8.61
C CYS A 385 -0.75 -7.30 9.06
N ILE A 386 -1.66 -7.58 8.12
CA ILE A 386 -2.81 -8.43 8.40
C ILE A 386 -2.34 -9.80 8.88
N ALA A 387 -1.12 -10.16 8.52
CA ALA A 387 -0.51 -11.43 8.94
C ALA A 387 -0.48 -11.58 10.46
N PHE A 388 -0.45 -10.45 11.17
CA PHE A 388 -0.39 -10.46 12.64
C PHE A 388 -1.76 -10.73 13.26
N LEU A 389 -2.77 -10.92 12.41
CA LEU A 389 -4.10 -11.26 12.89
C LEU A 389 -4.08 -12.64 13.56
N GLY A 390 -3.12 -13.47 13.15
CA GLY A 390 -2.94 -14.80 13.71
C GLY A 390 -1.77 -14.87 14.66
N VAL A 391 -1.35 -13.73 15.19
CA VAL A 391 -0.28 -13.66 16.17
C VAL A 391 -0.86 -13.28 17.53
N ASN A 392 -0.60 -14.12 18.53
CA ASN A 392 -1.17 -13.93 19.86
C ASN A 392 -0.29 -13.03 20.73
N GLN A 393 -0.25 -11.75 20.39
CA GLN A 393 0.49 -10.76 21.16
C GLN A 393 -0.34 -9.48 21.24
N THR A 394 -0.10 -8.67 22.27
CA THR A 394 -0.90 -7.48 22.51
C THR A 394 -0.76 -6.47 21.37
N LYS A 395 -1.86 -5.78 21.06
CA LYS A 395 -1.90 -4.78 20.02
C LYS A 395 -2.42 -3.46 20.58
N GLN A 396 -1.77 -2.36 20.21
CA GLN A 396 -2.14 -1.04 20.71
C GLN A 396 -3.38 -0.53 19.99
N ASN A 397 -4.08 0.41 20.63
CA ASN A 397 -5.36 0.93 20.13
C ASN A 397 -5.20 2.27 19.45
N ALA A 398 -5.63 2.35 18.18
CA ALA A 398 -5.54 3.58 17.41
C ALA A 398 -6.56 4.62 17.88
N PHE A 399 -7.61 4.17 18.55
CA PHE A 399 -8.67 5.06 19.02
C PHE A 399 -8.31 5.72 20.35
N GLU A 400 -7.14 5.38 20.90
CA GLU A 400 -6.73 5.89 22.20
C GLU A 400 -5.26 6.30 22.28
N LYS A 401 -4.53 6.10 21.18
CA LYS A 401 -3.11 6.47 21.13
C LYS A 401 -2.72 6.97 19.74
N ASP A 402 -1.80 7.93 19.69
CA ASP A 402 -1.39 8.52 18.41
C ASP A 402 -0.63 7.51 17.55
N LEU A 403 -0.93 7.53 16.26
CA LEU A 403 -0.29 6.63 15.31
C LEU A 403 1.22 6.77 15.33
N LEU A 404 1.68 8.02 15.41
CA LEU A 404 3.11 8.31 15.35
C LEU A 404 3.85 7.72 16.55
N ASP A 405 3.25 7.83 17.73
CA ASP A 405 3.85 7.27 18.94
C ASP A 405 4.01 5.76 18.80
N VAL A 406 2.98 5.11 18.27
CA VAL A 406 3.00 3.66 18.08
C VAL A 406 4.04 3.28 17.02
N TRP A 407 4.09 4.05 15.94
CA TRP A 407 5.03 3.79 14.85
C TRP A 407 6.47 3.73 15.37
N TYR A 408 6.75 4.46 16.44
CA TYR A 408 8.08 4.49 17.03
C TYR A 408 8.31 3.37 18.04
N ASP A 409 7.37 3.19 18.97
CA ASP A 409 7.63 2.36 20.15
C ASP A 409 7.03 0.95 20.13
N ASP A 410 6.21 0.65 19.12
CA ASP A 410 5.44 -0.59 19.13
C ASP A 410 6.36 -1.83 19.12
N PRO A 411 6.08 -2.81 19.99
CA PRO A 411 6.94 -4.00 20.08
C PRO A 411 6.82 -4.94 18.89
N LEU A 412 5.65 -4.97 18.24
CA LEU A 412 5.46 -5.83 17.07
C LEU A 412 6.30 -5.31 15.91
N TYR A 413 6.26 -3.99 15.69
CA TYR A 413 7.11 -3.35 14.69
C TYR A 413 8.58 -3.59 15.02
N GLY A 414 8.92 -3.41 16.29
CA GLY A 414 10.29 -3.57 16.75
C GLY A 414 10.83 -4.98 16.53
N GLY A 415 9.96 -5.97 16.72
CA GLY A 415 10.34 -7.36 16.53
C GLY A 415 10.63 -7.70 15.08
N ILE A 416 9.73 -7.28 14.19
CA ILE A 416 9.87 -7.61 12.77
C ILE A 416 10.97 -6.78 12.12
N ARG A 417 11.17 -5.56 12.63
CA ARG A 417 12.23 -4.68 12.11
C ARG A 417 13.63 -5.19 12.45
N SER A 418 13.78 -5.75 13.65
CA SER A 418 15.08 -6.15 14.16
C SER A 418 15.40 -7.62 13.88
N PHE A 419 14.44 -8.35 13.33
CA PHE A 419 14.63 -9.76 13.04
C PHE A 419 15.74 -9.98 12.02
N ARG A 420 16.65 -10.91 12.31
CA ARG A 420 17.75 -11.25 11.41
C ARG A 420 17.89 -12.76 11.32
N THR A 421 17.93 -13.28 10.09
CA THR A 421 18.07 -14.72 9.88
C THR A 421 19.52 -15.16 10.06
N LYS A 422 19.69 -16.41 10.45
CA LYS A 422 21.01 -17.03 10.55
C LYS A 422 21.17 -18.14 9.50
N ASN A 423 20.19 -18.26 8.62
CA ASN A 423 20.23 -19.26 7.56
C ASN A 423 21.41 -19.04 6.61
N SER A 424 22.20 -20.07 6.41
CA SER A 424 23.41 -19.99 5.59
C SER A 424 23.13 -19.48 4.18
N LYS A 425 22.11 -20.05 3.54
CA LYS A 425 21.76 -19.67 2.17
C LYS A 425 21.36 -18.19 2.11
N CYS A 426 20.51 -17.79 3.04
CA CYS A 426 20.00 -16.42 3.05
C CYS A 426 21.13 -15.40 3.29
N LEU A 427 22.06 -15.76 4.17
CA LEU A 427 23.18 -14.87 4.51
C LEU A 427 24.03 -14.54 3.28
N SER A 428 23.95 -15.38 2.25
CA SER A 428 24.68 -15.16 1.01
C SER A 428 23.76 -14.70 -0.12
N CYS A 429 22.48 -14.51 0.19
CA CYS A 429 21.51 -14.08 -0.82
C CYS A 429 21.60 -12.57 -1.04
N GLY A 430 21.46 -12.16 -2.30
CA GLY A 430 21.58 -10.76 -2.67
C GLY A 430 20.48 -9.90 -2.12
N LEU A 431 19.33 -10.51 -1.82
CA LEU A 431 18.17 -9.79 -1.32
C LEU A 431 17.98 -10.02 0.19
N LEU A 432 19.08 -10.39 0.86
CA LEU A 432 19.05 -10.67 2.29
C LEU A 432 18.43 -9.55 3.12
N LYS A 433 18.87 -8.33 2.89
CA LYS A 433 18.49 -7.20 3.75
C LYS A 433 17.01 -6.85 3.65
N ILE A 434 16.37 -7.24 2.55
CA ILE A 434 14.94 -6.95 2.35
C ILE A 434 14.03 -8.15 2.60
N CYS A 435 14.64 -9.29 2.95
CA CYS A 435 13.88 -10.54 3.07
C CYS A 435 14.11 -11.24 4.42
N GLU A 436 15.37 -11.49 4.76
CA GLU A 436 15.74 -12.07 6.05
C GLU A 436 15.06 -13.42 6.31
N GLY A 437 15.06 -14.30 5.30
CA GLY A 437 14.59 -15.67 5.48
C GLY A 437 13.15 -15.90 5.06
N GLY A 438 12.45 -14.83 4.69
CA GLY A 438 11.06 -14.91 4.26
C GLY A 438 10.14 -14.11 5.17
N CYS A 439 8.86 -14.46 5.15
CA CYS A 439 7.87 -13.78 5.97
C CYS A 439 8.12 -14.01 7.45
N TYR A 440 8.34 -12.92 8.17
CA TYR A 440 8.61 -12.97 9.61
C TYR A 440 7.53 -13.70 10.38
N VAL A 441 6.27 -13.48 9.98
CA VAL A 441 5.14 -14.11 10.66
C VAL A 441 5.17 -15.62 10.47
N ASN A 442 5.45 -16.07 9.25
CA ASN A 442 5.60 -17.50 8.99
C ASN A 442 6.74 -18.11 9.80
N LEU A 443 7.85 -17.39 9.90
CA LEU A 443 9.05 -17.90 10.55
C LEU A 443 8.87 -18.11 12.04
N ILE A 444 8.20 -17.17 12.71
CA ILE A 444 8.03 -17.27 14.16
C ILE A 444 7.09 -18.43 14.53
N LYS A 445 6.40 -19.00 13.55
CA LYS A 445 5.59 -20.20 13.80
C LYS A 445 6.49 -21.41 14.02
N GLU A 446 7.67 -21.38 13.42
CA GLU A 446 8.55 -22.56 13.37
C GLU A 446 9.38 -22.72 14.64
N LYS A 447 10.00 -23.89 14.78
CA LYS A 447 10.73 -24.25 15.99
C LYS A 447 11.99 -23.41 16.15
N SER A 448 12.64 -23.09 15.03
CA SER A 448 13.85 -22.29 15.03
C SER A 448 13.77 -21.23 13.93
N PRO A 449 12.98 -20.16 14.18
CA PRO A 449 12.69 -19.10 13.20
C PRO A 449 13.91 -18.53 12.48
N GLU A 450 15.05 -18.46 13.15
CA GLU A 450 16.23 -17.83 12.59
C GLU A 450 16.99 -18.73 11.61
N TYR A 451 16.73 -20.03 11.65
CA TYR A 451 17.40 -20.97 10.75
C TYR A 451 16.45 -21.52 9.69
N PHE A 452 15.16 -21.31 9.88
CA PHE A 452 14.16 -21.78 8.93
C PHE A 452 14.01 -20.80 7.77
N ARG A 453 14.06 -21.32 6.54
CA ARG A 453 13.77 -20.52 5.35
C ARG A 453 12.33 -20.75 4.92
N ASP A 454 11.57 -19.67 4.80
CA ASP A 454 10.16 -19.73 4.43
C ASP A 454 9.97 -20.56 3.16
N SER A 455 8.97 -21.44 3.18
CA SER A 455 8.76 -22.37 2.08
C SER A 455 8.23 -21.68 0.81
N VAL A 456 7.83 -20.42 0.93
CA VAL A 456 7.37 -19.67 -0.23
C VAL A 456 8.54 -19.37 -1.17
N CYS A 457 9.74 -19.34 -0.60
CA CYS A 457 10.95 -19.01 -1.35
C CYS A 457 11.28 -20.09 -2.38
N GLN A 458 11.27 -19.70 -3.65
CA GLN A 458 11.50 -20.63 -4.75
C GLN A 458 12.97 -20.78 -5.13
N LEU A 459 13.86 -20.15 -4.37
CA LEU A 459 15.29 -20.18 -4.67
C LEU A 459 15.96 -21.38 -4.00
N SER B 2 17.71 -4.02 -13.98
CA SER B 2 17.40 -3.26 -12.79
C SER B 2 16.05 -2.62 -12.91
N LYS B 3 15.62 -2.37 -14.13
CA LYS B 3 14.32 -1.82 -14.32
C LYS B 3 13.42 -3.06 -14.18
N GLU B 4 13.91 -4.20 -14.64
CA GLU B 4 13.11 -5.42 -14.50
C GLU B 4 13.03 -5.84 -13.04
N LEU B 5 14.13 -5.70 -12.35
CA LEU B 5 14.19 -6.04 -10.95
C LEU B 5 13.33 -5.12 -10.11
N GLU B 6 13.26 -3.85 -10.49
CA GLU B 6 12.46 -2.93 -9.77
C GLU B 6 10.97 -3.19 -9.93
N LYS B 7 10.54 -3.61 -11.11
CA LYS B 7 9.14 -3.90 -11.32
C LYS B 7 8.71 -5.10 -10.48
N VAL B 8 9.52 -6.15 -10.43
CA VAL B 8 9.23 -7.34 -9.65
C VAL B 8 9.20 -7.03 -8.16
N LEU B 9 10.16 -6.24 -7.70
CA LEU B 9 10.23 -5.86 -6.29
C LEU B 9 9.05 -4.99 -5.87
N GLU B 10 8.61 -4.11 -6.77
CA GLU B 10 7.44 -3.28 -6.50
C GLU B 10 6.19 -4.13 -6.35
N SER B 11 6.15 -5.24 -7.08
CA SER B 11 5.02 -6.16 -7.05
C SER B 11 5.14 -7.17 -5.90
N SER B 12 6.31 -7.24 -5.28
CA SER B 12 6.53 -8.20 -4.21
C SER B 12 5.89 -7.72 -2.91
N ALA B 13 4.57 -7.64 -2.92
CA ALA B 13 3.81 -7.19 -1.75
C ALA B 13 2.33 -7.53 -1.93
N MET B 14 1.57 -7.52 -0.84
CA MET B 14 0.13 -7.77 -0.90
C MET B 14 -0.63 -6.52 -1.30
#